data_2Z50
#
_entry.id   2Z50
#
_cell.length_a   47.133
_cell.length_b   119.195
_cell.length_c   129.706
_cell.angle_alpha   90.00
_cell.angle_beta   90.00
_cell.angle_gamma   90.00
#
_symmetry.space_group_name_H-M   'P 21 21 21'
#
loop_
_entity.id
_entity.type
_entity.pdbx_description
1 polymer 'Geranylgeranyl pyrophosphate synthetase'
2 non-polymer '(1-HYDROXYHEPTANE-1,1-DIYL)BIS(PHOSPHONIC ACID)'
3 water water
#
_entity_poly.entity_id   1
_entity_poly.type   'polypeptide(L)'
_entity_poly.pdbx_seq_one_letter_code
;MTKNKMEAKIDELINNDPVWSSQNESLISKPYNHILLKPGKNFRLNLIVQINRVMNLPKDQLAIVSQIVELLHNSSLLID
DIEDNAPLRRGQTTSHLIFGVPSTINTANYMYFRAMQLVSQLTTKEPLYHNLITIFNEELINLHRGQGLDIYWRDFLPEI
IPTQEMYLNMVMNKTGGLFRLTLRLMEALSPSSHHGHSLVPFINLLGIIYQIRDDYLNLKDFQMSSEKGFAEDITEGKLS
FPIVHALNFTKTKGQTEQHNEILRILLLRTSDKDIKLKLIQILEFDTNSLAYTKNFINQLVNMIKNDNENKYLPDLASHS
DTATNLHDELLYIIDHLSEL
;
_entity_poly.pdbx_strand_id   A,B
#
loop_
_chem_comp.id
_chem_comp.type
_chem_comp.name
_chem_comp.formula
028 non-polymer '(1-HYDROXYHEPTANE-1,1-DIYL)BIS(PHOSPHONIC ACID)' 'C7 H18 O7 P2'
#
# COMPACT_ATOMS: atom_id res chain seq x y z
N ASN A 4 37.56 -14.41 -10.81
CA ASN A 4 37.60 -13.16 -11.63
C ASN A 4 36.58 -13.11 -12.74
N LYS A 5 36.07 -14.25 -13.17
CA LYS A 5 35.04 -14.22 -14.19
C LYS A 5 33.90 -13.58 -13.40
N MET A 6 33.81 -13.98 -12.14
CA MET A 6 32.79 -13.48 -11.24
C MET A 6 32.96 -11.99 -10.98
N GLU A 7 34.16 -11.62 -10.51
CA GLU A 7 34.48 -10.24 -10.18
C GLU A 7 34.16 -9.27 -11.34
N ALA A 8 34.37 -9.74 -12.57
CA ALA A 8 34.09 -8.95 -13.75
C ALA A 8 32.59 -8.83 -13.95
N LYS A 9 31.88 -9.93 -13.72
CA LYS A 9 30.42 -9.94 -13.83
C LYS A 9 29.85 -9.02 -12.76
N ILE A 10 30.27 -9.22 -11.50
CA ILE A 10 29.81 -8.41 -10.38
C ILE A 10 30.05 -6.91 -10.64
N ASP A 11 31.19 -6.58 -11.27
CA ASP A 11 31.52 -5.18 -11.57
C ASP A 11 30.58 -4.61 -12.64
N GLU A 12 30.21 -5.41 -13.63
CA GLU A 12 29.31 -4.85 -14.66
C GLU A 12 27.87 -4.64 -14.11
N LEU A 13 27.50 -5.50 -13.17
CA LEU A 13 26.20 -5.49 -12.53
C LEU A 13 26.00 -4.21 -11.71
N ILE A 14 26.97 -3.91 -10.84
CA ILE A 14 26.90 -2.76 -9.96
C ILE A 14 27.15 -1.41 -10.65
N ASN A 15 27.74 -1.43 -11.85
CA ASN A 15 27.97 -0.17 -12.55
C ASN A 15 26.84 0.19 -13.53
N ASN A 16 25.77 -0.61 -13.54
CA ASN A 16 24.61 -0.35 -14.41
C ASN A 16 23.26 -0.21 -13.64
N ASP A 17 22.22 0.23 -14.35
CA ASP A 17 20.90 0.34 -13.74
C ASP A 17 20.36 -1.06 -13.53
N PRO A 18 19.38 -1.24 -12.62
CA PRO A 18 18.84 -2.59 -12.41
C PRO A 18 18.14 -3.20 -13.68
N VAL A 19 18.34 -4.49 -13.89
CA VAL A 19 17.74 -5.18 -15.07
C VAL A 19 16.26 -5.55 -14.81
N TRP A 20 15.35 -5.16 -15.72
CA TRP A 20 13.92 -5.46 -15.58
C TRP A 20 13.39 -5.74 -17.01
N SER A 21 12.81 -6.91 -17.26
CA SER A 21 12.30 -7.26 -18.59
C SER A 21 10.79 -7.03 -18.83
N SER A 22 10.36 -7.02 -20.11
CA SER A 22 8.93 -6.84 -20.38
C SER A 22 8.17 -8.07 -19.85
N GLN A 23 8.82 -9.24 -19.87
CA GLN A 23 8.20 -10.44 -19.32
C GLN A 23 7.97 -10.25 -17.76
N ASN A 24 8.95 -9.69 -17.05
CA ASN A 24 8.83 -9.42 -15.58
C ASN A 24 7.64 -8.40 -15.35
N GLU A 25 7.54 -7.37 -16.17
CA GLU A 25 6.45 -6.36 -16.04
C GLU A 25 5.11 -7.04 -16.15
N SER A 26 4.96 -7.93 -17.14
CA SER A 26 3.70 -8.65 -17.30
C SER A 26 3.38 -9.54 -16.07
N LEU A 27 4.34 -10.28 -15.50
CA LEU A 27 4.00 -11.13 -14.35
C LEU A 27 3.47 -10.34 -13.13
N ILE A 28 4.06 -9.22 -12.79
CA ILE A 28 3.57 -8.47 -11.63
C ILE A 28 2.35 -7.59 -11.93
N SER A 29 1.91 -7.52 -13.18
CA SER A 29 0.71 -6.74 -13.52
C SER A 29 -0.55 -7.62 -13.47
N LYS A 30 -0.41 -8.94 -13.24
CA LYS A 30 -1.61 -9.83 -13.25
C LYS A 30 -2.80 -9.35 -12.39
N PRO A 31 -2.57 -8.95 -11.11
CA PRO A 31 -3.69 -8.50 -10.27
C PRO A 31 -4.41 -7.24 -10.82
N TYR A 32 -3.66 -6.34 -11.45
CA TYR A 32 -4.23 -5.12 -12.02
C TYR A 32 -4.98 -5.40 -13.34
N ASN A 33 -4.37 -6.15 -14.26
CA ASN A 33 -5.05 -6.51 -15.51
C ASN A 33 -6.43 -7.20 -15.29
N HIS A 34 -6.55 -8.00 -14.22
CA HIS A 34 -7.80 -8.68 -13.90
C HIS A 34 -8.95 -7.66 -13.56
N ILE A 35 -8.70 -6.62 -12.77
CA ILE A 35 -9.78 -5.67 -12.45
C ILE A 35 -10.16 -4.79 -13.66
N LEU A 36 -9.28 -4.66 -14.63
CA LEU A 36 -9.61 -3.90 -15.82
C LEU A 36 -10.83 -4.43 -16.59
N LEU A 37 -11.03 -5.75 -16.67
CA LEU A 37 -12.17 -6.31 -17.40
C LEU A 37 -13.52 -6.03 -16.72
N LEU A 47 -17.58 12.59 -15.95
CA LEU A 47 -17.32 13.65 -14.93
C LEU A 47 -16.23 14.57 -15.46
N ILE A 48 -15.19 13.99 -16.02
CA ILE A 48 -14.09 14.76 -16.55
C ILE A 48 -14.50 15.55 -17.79
N VAL A 49 -15.17 14.90 -18.74
CA VAL A 49 -15.61 15.59 -19.97
C VAL A 49 -16.53 16.75 -19.62
N GLN A 50 -17.47 16.46 -18.72
CA GLN A 50 -18.37 17.50 -18.28
C GLN A 50 -17.54 18.67 -17.79
N ILE A 51 -16.85 18.49 -16.69
CA ILE A 51 -16.08 19.59 -16.13
C ILE A 51 -15.28 20.41 -17.18
N ASN A 52 -14.64 19.72 -18.12
CA ASN A 52 -13.80 20.38 -19.13
C ASN A 52 -14.48 21.52 -19.90
N ARG A 53 -15.81 21.46 -19.99
CA ARG A 53 -16.55 22.47 -20.70
C ARG A 53 -16.63 23.72 -19.83
N VAL A 54 -15.56 23.97 -19.09
CA VAL A 54 -15.43 25.12 -18.21
C VAL A 54 -13.94 25.44 -18.12
N MET A 55 -13.17 24.36 -18.05
CA MET A 55 -11.72 24.48 -17.94
C MET A 55 -11.10 24.61 -19.34
N ASN A 56 -11.77 24.04 -20.35
CA ASN A 56 -11.31 24.07 -21.74
C ASN A 56 -9.89 23.58 -21.93
N LEU A 57 -9.58 22.40 -21.39
CA LEU A 57 -8.25 21.83 -21.54
C LEU A 57 -8.05 21.19 -22.92
N PRO A 58 -6.81 21.15 -23.40
CA PRO A 58 -6.60 20.52 -24.70
C PRO A 58 -6.77 18.99 -24.52
N LYS A 59 -7.17 18.32 -25.57
CA LYS A 59 -7.41 16.88 -25.48
C LYS A 59 -6.24 15.98 -25.11
N ASP A 60 -5.01 16.37 -25.49
CA ASP A 60 -3.82 15.60 -25.17
C ASP A 60 -3.56 15.58 -23.64
N GLN A 61 -3.78 16.72 -23.00
CA GLN A 61 -3.61 16.84 -21.54
C GLN A 61 -4.77 16.15 -20.81
N LEU A 62 -5.98 16.36 -21.32
CA LEU A 62 -7.16 15.77 -20.72
C LEU A 62 -7.02 14.22 -20.59
N ALA A 63 -6.42 13.61 -21.62
CA ALA A 63 -6.22 12.17 -21.65
C ALA A 63 -5.21 11.71 -20.62
N ILE A 64 -4.25 12.56 -20.32
CA ILE A 64 -3.28 12.17 -19.31
C ILE A 64 -3.92 12.26 -17.87
N VAL A 65 -4.68 13.33 -17.60
CA VAL A 65 -5.37 13.44 -16.28
C VAL A 65 -6.24 12.19 -16.08
N SER A 66 -6.90 11.76 -17.15
CA SER A 66 -7.77 10.58 -17.12
C SER A 66 -7.04 9.25 -16.79
N GLN A 67 -5.84 9.01 -17.36
CA GLN A 67 -5.10 7.76 -17.10
C GLN A 67 -4.63 7.77 -15.66
N ILE A 68 -4.29 8.96 -15.17
CA ILE A 68 -3.86 9.10 -13.80
C ILE A 68 -4.95 8.77 -12.83
N VAL A 69 -6.12 9.37 -13.03
CA VAL A 69 -7.22 9.12 -12.10
C VAL A 69 -7.68 7.64 -12.16
N GLU A 70 -7.68 7.05 -13.37
CA GLU A 70 -8.08 5.64 -13.49
C GLU A 70 -7.09 4.74 -12.79
N LEU A 71 -5.79 5.01 -12.93
CA LEU A 71 -4.77 4.18 -12.25
C LEU A 71 -4.97 4.20 -10.75
N LEU A 72 -5.13 5.41 -10.19
CA LEU A 72 -5.32 5.57 -8.76
C LEU A 72 -6.67 4.92 -8.23
N HIS A 73 -7.75 5.12 -8.96
CA HIS A 73 -9.02 4.56 -8.54
C HIS A 73 -8.99 3.02 -8.54
N ASN A 74 -8.54 2.41 -9.64
CA ASN A 74 -8.52 0.91 -9.70
C ASN A 74 -7.57 0.32 -8.66
N SER A 75 -6.44 0.99 -8.43
CA SER A 75 -5.48 0.43 -7.43
C SER A 75 -6.08 0.49 -6.04
N SER A 76 -6.82 1.57 -5.75
CA SER A 76 -7.52 1.81 -4.47
C SER A 76 -8.55 0.73 -4.19
N LEU A 77 -9.26 0.34 -5.26
CA LEU A 77 -10.29 -0.71 -5.17
C LEU A 77 -9.66 -2.08 -4.84
N LEU A 78 -8.51 -2.41 -5.43
CA LEU A 78 -7.84 -3.70 -5.10
C LEU A 78 -7.52 -3.77 -3.59
N ILE A 79 -7.08 -2.66 -3.00
CA ILE A 79 -6.72 -2.62 -1.57
C ILE A 79 -8.02 -2.59 -0.67
N ASP A 80 -8.99 -1.79 -1.09
CA ASP A 80 -10.26 -1.71 -0.36
C ASP A 80 -10.89 -3.13 -0.23
N ASP A 81 -10.82 -3.94 -1.28
CA ASP A 81 -11.43 -5.26 -1.26
C ASP A 81 -10.69 -6.20 -0.28
N ILE A 82 -9.38 -5.98 -0.15
CA ILE A 82 -8.63 -6.82 0.82
C ILE A 82 -9.09 -6.36 2.23
N GLU A 83 -9.10 -5.05 2.42
CA GLU A 83 -9.46 -4.45 3.70
C GLU A 83 -10.88 -4.81 4.17
N ASP A 84 -11.77 -5.09 3.21
CA ASP A 84 -13.18 -5.45 3.46
C ASP A 84 -13.48 -6.97 3.37
N ASN A 85 -12.47 -7.79 2.99
CA ASN A 85 -12.60 -9.23 2.82
C ASN A 85 -13.76 -9.52 1.81
N ALA A 86 -13.82 -8.73 0.74
CA ALA A 86 -14.91 -8.82 -0.28
C ALA A 86 -14.68 -9.99 -1.27
N PRO A 87 -15.71 -10.84 -1.48
CA PRO A 87 -15.58 -11.98 -2.40
C PRO A 87 -15.77 -11.65 -3.92
N LEU A 88 -16.47 -10.54 -4.22
CA LEU A 88 -16.78 -10.11 -5.61
C LEU A 88 -16.62 -8.59 -5.88
N ARG A 89 -16.26 -8.24 -7.11
CA ARG A 89 -16.11 -6.86 -7.58
C ARG A 89 -16.44 -6.88 -9.09
N ARG A 90 -17.36 -6.00 -9.51
CA ARG A 90 -17.75 -5.86 -10.91
C ARG A 90 -18.25 -7.21 -11.46
N GLY A 91 -18.95 -7.95 -10.61
CA GLY A 91 -19.49 -9.23 -11.00
C GLY A 91 -18.50 -10.41 -11.05
N GLN A 92 -17.24 -10.25 -10.69
CA GLN A 92 -16.31 -11.37 -10.73
C GLN A 92 -15.54 -11.57 -9.44
N THR A 93 -14.87 -12.70 -9.33
CA THR A 93 -14.08 -13.00 -8.13
C THR A 93 -13.02 -11.87 -7.91
N THR A 94 -12.77 -11.49 -6.65
CA THR A 94 -11.75 -10.44 -6.39
C THR A 94 -10.30 -10.91 -6.66
N SER A 95 -9.43 -9.99 -7.10
CA SER A 95 -8.04 -10.38 -7.39
C SER A 95 -7.28 -11.08 -6.25
N HIS A 96 -7.50 -10.67 -5.00
CA HIS A 96 -6.74 -11.29 -3.89
C HIS A 96 -7.12 -12.75 -3.69
N LEU A 97 -8.34 -13.14 -4.07
CA LEU A 97 -8.72 -14.54 -3.95
C LEU A 97 -8.10 -15.37 -5.08
N ILE A 98 -7.75 -14.73 -6.19
CA ILE A 98 -7.14 -15.47 -7.29
C ILE A 98 -5.60 -15.56 -7.19
N PHE A 99 -4.95 -14.39 -7.06
CA PHE A 99 -3.47 -14.30 -7.01
C PHE A 99 -2.81 -14.25 -5.65
N GLY A 100 -3.62 -14.10 -4.59
CA GLY A 100 -3.12 -14.06 -3.21
C GLY A 100 -3.04 -12.63 -2.70
N VAL A 101 -3.30 -12.38 -1.41
CA VAL A 101 -3.21 -11.07 -0.83
C VAL A 101 -1.78 -10.45 -1.05
N PRO A 102 -0.70 -11.28 -0.87
CA PRO A 102 0.64 -10.67 -1.04
C PRO A 102 0.93 -10.00 -2.39
N SER A 103 0.75 -10.74 -3.50
CA SER A 103 0.98 -10.09 -4.79
C SER A 103 0.03 -8.93 -5.06
N THR A 104 -1.22 -9.02 -4.55
CA THR A 104 -2.22 -7.97 -4.82
C THR A 104 -1.90 -6.65 -4.09
N ILE A 105 -1.49 -6.73 -2.81
CA ILE A 105 -1.03 -5.52 -2.09
C ILE A 105 0.19 -4.92 -2.86
N ASN A 106 1.20 -5.74 -3.21
CA ASN A 106 2.40 -5.19 -3.87
C ASN A 106 2.09 -4.51 -5.21
N THR A 107 1.30 -5.18 -6.05
CA THR A 107 0.96 -4.62 -7.37
C THR A 107 0.15 -3.32 -7.25
N ALA A 108 -0.84 -3.25 -6.33
CA ALA A 108 -1.61 -1.97 -6.17
C ALA A 108 -0.68 -0.79 -5.77
N ASN A 109 0.20 -1.02 -4.81
CA ASN A 109 1.13 0.04 -4.33
C ASN A 109 2.08 0.41 -5.51
N TYR A 110 2.55 -0.60 -6.26
CA TYR A 110 3.42 -0.32 -7.44
C TYR A 110 2.70 0.69 -8.39
N MET A 111 1.42 0.45 -8.67
CA MET A 111 0.64 1.32 -9.54
C MET A 111 0.43 2.75 -8.97
N TYR A 112 0.46 2.93 -7.64
CA TYR A 112 0.32 4.28 -7.07
C TYR A 112 1.50 5.10 -7.54
N PHE A 113 2.70 4.48 -7.56
CA PHE A 113 3.94 5.19 -7.98
C PHE A 113 4.07 5.32 -9.52
N ARG A 114 3.47 4.39 -10.28
CA ARG A 114 3.45 4.55 -11.74
C ARG A 114 2.53 5.77 -12.04
N ALA A 115 1.45 5.95 -11.28
CA ALA A 115 0.56 7.10 -11.50
C ALA A 115 1.31 8.43 -11.20
N MET A 116 2.11 8.42 -10.12
CA MET A 116 2.91 9.60 -9.74
C MET A 116 3.84 10.01 -10.93
N GLN A 117 4.47 9.00 -11.54
CA GLN A 117 5.35 9.16 -12.67
C GLN A 117 4.66 9.88 -13.87
N LEU A 118 3.38 9.56 -14.14
CA LEU A 118 2.66 10.18 -15.24
C LEU A 118 2.45 11.72 -15.10
N VAL A 119 2.49 12.23 -13.87
CA VAL A 119 2.29 13.68 -13.68
C VAL A 119 3.32 14.51 -14.47
N SER A 120 4.53 13.99 -14.62
CA SER A 120 5.53 14.77 -15.33
C SER A 120 5.28 14.85 -16.85
N GLN A 121 4.31 14.09 -17.36
CA GLN A 121 3.99 14.19 -18.80
C GLN A 121 3.00 15.35 -19.04
N LEU A 122 2.54 16.00 -17.97
CA LEU A 122 1.57 17.07 -18.16
C LEU A 122 2.14 18.41 -18.56
N THR A 123 3.43 18.65 -18.28
CA THR A 123 4.10 19.93 -18.56
C THR A 123 5.61 19.80 -18.48
N THR A 124 6.32 20.79 -19.04
CA THR A 124 7.79 20.89 -18.98
C THR A 124 8.13 22.14 -18.17
N LYS A 125 7.12 22.91 -17.75
CA LYS A 125 7.29 24.14 -16.96
C LYS A 125 7.37 23.82 -15.46
N GLU A 126 8.55 24.02 -14.86
CA GLU A 126 8.85 23.70 -13.45
C GLU A 126 7.95 24.21 -12.31
N PRO A 127 7.44 25.46 -12.41
CA PRO A 127 6.55 26.01 -11.36
C PRO A 127 5.17 25.28 -11.38
N LEU A 128 4.63 25.06 -12.59
CA LEU A 128 3.34 24.34 -12.77
C LEU A 128 3.48 22.86 -12.29
N TYR A 129 4.58 22.23 -12.66
CA TYR A 129 4.85 20.85 -12.24
C TYR A 129 4.79 20.73 -10.69
N HIS A 130 5.45 21.65 -9.97
CA HIS A 130 5.48 21.65 -8.50
C HIS A 130 4.08 21.77 -7.89
N ASN A 131 3.17 22.51 -8.54
CA ASN A 131 1.80 22.61 -8.03
C ASN A 131 1.00 21.29 -8.23
N LEU A 132 1.19 20.64 -9.38
CA LEU A 132 0.48 19.40 -9.71
C LEU A 132 0.87 18.26 -8.74
N ILE A 133 2.16 18.16 -8.45
CA ILE A 133 2.66 17.12 -7.54
C ILE A 133 2.14 17.41 -6.09
N THR A 134 2.05 18.68 -5.73
CA THR A 134 1.53 19.08 -4.39
C THR A 134 0.06 18.69 -4.25
N ILE A 135 -0.73 18.94 -5.29
CA ILE A 135 -2.14 18.59 -5.29
C ILE A 135 -2.28 17.07 -5.15
N PHE A 136 -1.54 16.33 -5.97
CA PHE A 136 -1.51 14.84 -5.94
C PHE A 136 -1.25 14.32 -4.49
N ASN A 137 -0.16 14.81 -3.90
CA ASN A 137 0.26 14.43 -2.55
C ASN A 137 -0.78 14.77 -1.44
N GLU A 138 -1.35 15.97 -1.51
CA GLU A 138 -2.40 16.42 -0.58
C GLU A 138 -3.69 15.53 -0.58
N GLU A 139 -4.23 15.27 -1.78
CA GLU A 139 -5.42 14.46 -1.84
C GLU A 139 -5.21 12.95 -1.55
N LEU A 140 -4.01 12.40 -1.81
CA LEU A 140 -3.74 11.00 -1.41
C LEU A 140 -3.61 10.93 0.12
N ILE A 141 -3.02 11.95 0.75
CA ILE A 141 -2.98 12.00 2.23
C ILE A 141 -4.43 12.05 2.76
N ASN A 142 -5.30 12.88 2.14
CA ASN A 142 -6.68 12.95 2.61
C ASN A 142 -7.47 11.65 2.43
N LEU A 143 -7.30 11.01 1.29
CA LEU A 143 -7.98 9.71 1.01
C LEU A 143 -7.61 8.70 2.13
N HIS A 144 -6.32 8.58 2.46
CA HIS A 144 -5.89 7.63 3.49
C HIS A 144 -6.36 7.99 4.94
N ARG A 145 -6.42 9.29 5.25
CA ARG A 145 -6.94 9.71 6.59
C ARG A 145 -8.43 9.28 6.75
N GLY A 146 -9.27 9.54 5.72
CA GLY A 146 -10.67 9.16 5.82
C GLY A 146 -10.90 7.61 5.83
N GLN A 147 -10.20 6.88 4.95
CA GLN A 147 -10.33 5.41 4.91
C GLN A 147 -9.81 4.83 6.27
N GLY A 148 -8.79 5.46 6.83
CA GLY A 148 -8.25 5.00 8.10
C GLY A 148 -9.27 5.03 9.24
N LEU A 149 -10.06 6.11 9.32
CA LEU A 149 -11.10 6.27 10.34
C LEU A 149 -12.27 5.30 10.07
N ASP A 150 -12.67 5.16 8.80
CA ASP A 150 -13.80 4.25 8.46
C ASP A 150 -13.41 2.82 8.91
N ILE A 151 -12.18 2.39 8.59
CA ILE A 151 -11.71 1.02 9.01
C ILE A 151 -11.63 0.91 10.57
N TYR A 152 -11.05 1.93 11.22
CA TYR A 152 -10.94 1.87 12.70
C TYR A 152 -12.33 1.74 13.40
N TRP A 153 -13.29 2.61 13.07
CA TRP A 153 -14.62 2.52 13.67
C TRP A 153 -15.26 1.11 13.52
N ARG A 154 -15.16 0.52 12.32
CA ARG A 154 -15.72 -0.83 12.05
C ARG A 154 -15.00 -2.00 12.78
N ASP A 155 -13.66 -2.00 12.73
CA ASP A 155 -12.86 -3.07 13.33
C ASP A 155 -12.77 -3.02 14.89
N PHE A 156 -12.96 -1.84 15.48
CA PHE A 156 -12.86 -1.75 16.96
C PHE A 156 -14.20 -1.46 17.67
N LEU A 157 -15.30 -1.59 16.92
CA LEU A 157 -16.65 -1.35 17.46
C LEU A 157 -16.85 -2.31 18.67
N PRO A 158 -17.52 -1.85 19.74
CA PRO A 158 -18.16 -0.56 20.01
C PRO A 158 -17.32 0.54 20.73
N GLU A 159 -16.00 0.54 20.58
CA GLU A 159 -15.15 1.56 21.23
C GLU A 159 -15.54 3.01 20.88
N ILE A 160 -15.87 3.26 19.60
CA ILE A 160 -16.28 4.60 19.19
C ILE A 160 -17.56 4.50 18.34
N ILE A 161 -18.59 5.23 18.71
CA ILE A 161 -19.87 5.26 17.99
C ILE A 161 -19.81 6.65 17.36
N PRO A 162 -19.57 6.74 16.04
CA PRO A 162 -19.52 8.12 15.50
C PRO A 162 -20.88 8.83 15.43
N THR A 163 -20.87 10.17 15.54
CA THR A 163 -22.09 10.99 15.39
C THR A 163 -22.28 11.33 13.86
N GLN A 164 -23.39 11.96 13.48
CA GLN A 164 -23.59 12.35 12.06
C GLN A 164 -22.47 13.30 11.60
N GLU A 165 -22.09 14.27 12.46
CA GLU A 165 -21.00 15.22 12.13
C GLU A 165 -19.62 14.53 11.92
N MET A 166 -19.27 13.54 12.75
CA MET A 166 -18.00 12.82 12.59
C MET A 166 -18.02 12.02 11.27
N TYR A 167 -19.18 11.47 10.91
CA TYR A 167 -19.30 10.69 9.64
C TYR A 167 -19.07 11.59 8.41
N LEU A 168 -19.72 12.75 8.41
CA LEU A 168 -19.61 13.69 7.30
C LEU A 168 -18.15 14.16 7.12
N ASN A 169 -17.42 14.39 8.23
CA ASN A 169 -16.02 14.80 8.17
C ASN A 169 -15.13 13.67 7.59
N MET A 170 -15.49 12.42 7.92
CA MET A 170 -14.74 11.25 7.44
C MET A 170 -14.96 11.18 5.91
N VAL A 171 -16.20 11.40 5.47
CA VAL A 171 -16.51 11.38 4.02
C VAL A 171 -15.79 12.53 3.20
N MET A 172 -15.70 13.74 3.78
CA MET A 172 -15.01 14.88 3.13
C MET A 172 -13.54 14.49 2.83
N ASN A 173 -12.93 13.67 3.71
CA ASN A 173 -11.53 13.24 3.53
C ASN A 173 -11.48 12.10 2.53
N LYS A 174 -12.29 11.06 2.77
CA LYS A 174 -12.32 9.83 1.94
C LYS A 174 -12.88 9.98 0.51
N THR A 175 -14.20 10.10 0.38
CA THR A 175 -14.80 10.25 -0.94
C THR A 175 -14.41 11.62 -1.55
N GLY A 176 -14.36 12.67 -0.73
CA GLY A 176 -13.94 13.97 -1.24
C GLY A 176 -12.53 13.95 -1.89
N GLY A 177 -11.62 13.11 -1.38
CA GLY A 177 -10.25 13.01 -1.91
C GLY A 177 -10.07 12.81 -3.41
N LEU A 178 -10.74 11.80 -3.98
CA LEU A 178 -10.62 11.59 -5.44
C LEU A 178 -11.42 12.60 -6.28
N PHE A 179 -12.59 13.06 -5.80
CA PHE A 179 -13.37 14.07 -6.52
C PHE A 179 -12.54 15.36 -6.55
N ARG A 180 -12.00 15.81 -5.42
CA ARG A 180 -11.17 17.03 -5.44
C ARG A 180 -9.87 16.84 -6.23
N LEU A 181 -9.25 15.65 -6.18
CA LEU A 181 -8.03 15.46 -6.95
C LEU A 181 -8.27 15.73 -8.48
N THR A 182 -9.32 15.15 -9.05
CA THR A 182 -9.64 15.36 -10.47
C THR A 182 -9.84 16.87 -10.81
N LEU A 183 -10.77 17.52 -10.10
CA LEU A 183 -11.07 18.93 -10.29
C LEU A 183 -9.87 19.87 -10.07
N ARG A 184 -9.15 19.70 -8.94
CA ARG A 184 -8.00 20.55 -8.64
C ARG A 184 -6.88 20.49 -9.72
N LEU A 185 -6.58 19.30 -10.27
CA LEU A 185 -5.55 19.18 -11.32
C LEU A 185 -6.05 19.92 -12.56
N MET A 186 -7.35 19.82 -12.88
CA MET A 186 -7.89 20.50 -14.06
C MET A 186 -7.88 22.04 -13.90
N GLU A 187 -8.24 22.54 -12.71
CA GLU A 187 -8.22 23.96 -12.47
C GLU A 187 -6.79 24.48 -12.55
N ALA A 188 -5.81 23.71 -12.09
CA ALA A 188 -4.41 24.12 -12.16
C ALA A 188 -3.90 24.16 -13.61
N LEU A 189 -4.54 23.42 -14.50
CA LEU A 189 -4.11 23.44 -15.90
C LEU A 189 -4.90 24.40 -16.80
N SER A 190 -6.04 24.90 -16.34
CA SER A 190 -6.81 25.76 -17.20
C SER A 190 -6.06 27.04 -17.52
N PRO A 191 -6.17 27.47 -18.79
CA PRO A 191 -5.54 28.68 -19.32
C PRO A 191 -6.48 29.86 -19.02
N SER A 198 -14.38 29.06 -7.94
CA SER A 198 -13.89 27.65 -7.82
C SER A 198 -15.09 26.70 -7.76
N LEU A 199 -14.93 25.53 -8.35
CA LEU A 199 -15.98 24.55 -8.33
C LEU A 199 -15.78 23.54 -7.17
N VAL A 200 -14.78 23.76 -6.33
CA VAL A 200 -14.49 22.83 -5.20
C VAL A 200 -15.66 22.60 -4.21
N PRO A 201 -16.31 23.68 -3.73
CA PRO A 201 -17.44 23.49 -2.80
C PRO A 201 -18.53 22.61 -3.46
N PHE A 202 -18.78 22.86 -4.73
CA PHE A 202 -19.76 22.05 -5.48
C PHE A 202 -19.34 20.56 -5.57
N ILE A 203 -18.07 20.31 -5.87
CA ILE A 203 -17.55 18.95 -6.01
C ILE A 203 -17.54 18.24 -4.64
N ASN A 204 -17.40 19.01 -3.55
CA ASN A 204 -17.41 18.45 -2.17
C ASN A 204 -18.83 17.94 -1.88
N LEU A 205 -19.86 18.75 -2.25
CA LEU A 205 -21.27 18.38 -2.01
C LEU A 205 -21.67 17.21 -2.92
N LEU A 206 -21.25 17.21 -4.20
CA LEU A 206 -21.56 16.09 -5.08
C LEU A 206 -20.98 14.78 -4.45
N GLY A 207 -19.76 14.88 -3.90
CA GLY A 207 -19.11 13.74 -3.25
C GLY A 207 -19.88 13.19 -2.06
N ILE A 208 -20.44 14.08 -1.23
CA ILE A 208 -21.22 13.68 -0.03
C ILE A 208 -22.55 12.98 -0.46
N ILE A 209 -23.21 13.57 -1.48
CA ILE A 209 -24.44 13.03 -2.00
C ILE A 209 -24.20 11.62 -2.54
N TYR A 210 -23.12 11.49 -3.29
CA TYR A 210 -22.74 10.22 -3.93
C TYR A 210 -22.58 9.05 -2.94
N GLN A 211 -21.82 9.34 -1.87
CA GLN A 211 -21.54 8.37 -0.79
C GLN A 211 -22.78 8.00 0.04
N ILE A 212 -23.59 8.97 0.42
CA ILE A 212 -24.78 8.67 1.22
C ILE A 212 -25.82 7.85 0.37
N ARG A 213 -25.91 8.14 -0.93
CA ARG A 213 -26.82 7.42 -1.85
C ARG A 213 -26.37 5.97 -2.05
N ASP A 214 -25.06 5.77 -2.17
CA ASP A 214 -24.46 4.43 -2.28
C ASP A 214 -24.83 3.60 -0.99
N ASP A 215 -24.65 4.17 0.21
CA ASP A 215 -24.99 3.49 1.49
C ASP A 215 -26.52 3.12 1.51
N TYR A 216 -27.35 4.09 1.11
CA TYR A 216 -28.79 3.88 1.11
C TYR A 216 -29.23 2.75 0.18
N LEU A 217 -28.74 2.78 -1.07
CA LEU A 217 -29.15 1.78 -2.06
C LEU A 217 -28.69 0.35 -1.75
N ASN A 218 -27.53 0.24 -1.11
CA ASN A 218 -27.02 -1.08 -0.74
C ASN A 218 -28.08 -1.78 0.16
N LEU A 219 -28.81 -1.07 0.99
CA LEU A 219 -29.84 -1.72 1.83
C LEU A 219 -31.23 -1.81 1.12
N LYS A 220 -31.66 -0.71 0.52
CA LYS A 220 -32.95 -0.63 -0.16
C LYS A 220 -33.10 -1.71 -1.27
N ASP A 221 -32.06 -1.91 -2.05
CA ASP A 221 -32.05 -2.91 -3.09
C ASP A 221 -32.30 -4.32 -2.54
N PHE A 222 -31.71 -4.66 -1.39
CA PHE A 222 -31.90 -5.99 -0.75
C PHE A 222 -33.35 -6.04 -0.24
N GLN A 223 -33.76 -4.98 0.43
CA GLN A 223 -35.12 -4.97 0.96
C GLN A 223 -36.14 -5.28 -0.17
N PHE A 230 -26.98 -7.69 -2.45
CA PHE A 230 -27.01 -8.58 -1.23
C PHE A 230 -26.66 -7.92 0.09
N ALA A 231 -26.76 -6.60 0.13
CA ALA A 231 -26.48 -5.84 1.35
C ALA A 231 -25.15 -6.24 2.01
N GLU A 232 -24.10 -6.35 1.22
CA GLU A 232 -22.79 -6.73 1.75
C GLU A 232 -22.25 -5.69 2.74
N ASP A 233 -22.78 -4.46 2.74
CA ASP A 233 -22.30 -3.48 3.78
C ASP A 233 -22.57 -4.04 5.20
N ILE A 234 -23.64 -4.83 5.35
CA ILE A 234 -24.00 -5.43 6.67
C ILE A 234 -22.97 -6.54 7.04
N THR A 235 -22.64 -7.39 6.08
CA THR A 235 -21.67 -8.50 6.26
C THR A 235 -20.32 -7.94 6.66
N GLU A 236 -20.04 -6.76 6.13
CA GLU A 236 -18.81 -6.05 6.41
C GLU A 236 -18.82 -5.31 7.76
N GLY A 237 -19.96 -5.02 8.38
CA GLY A 237 -19.97 -4.31 9.67
C GLY A 237 -19.76 -2.80 9.61
N LYS A 238 -19.98 -2.22 8.43
CA LYS A 238 -19.74 -0.77 8.19
C LYS A 238 -20.64 0.23 8.94
N LEU A 239 -20.03 1.34 9.42
CA LEU A 239 -20.79 2.41 10.08
C LEU A 239 -21.31 3.33 8.93
N SER A 240 -22.32 2.83 8.20
CA SER A 240 -22.96 3.56 7.09
C SER A 240 -23.80 4.74 7.59
N PHE A 241 -24.26 5.62 6.68
CA PHE A 241 -25.05 6.78 7.13
C PHE A 241 -26.33 6.30 7.85
N PRO A 242 -27.08 5.33 7.25
CA PRO A 242 -28.30 4.91 7.99
C PRO A 242 -28.02 4.22 9.35
N ILE A 243 -26.92 3.47 9.45
CA ILE A 243 -26.55 2.77 10.72
C ILE A 243 -26.13 3.81 11.80
N VAL A 244 -25.41 4.87 11.39
CA VAL A 244 -25.01 5.96 12.31
C VAL A 244 -26.29 6.67 12.83
N HIS A 245 -27.25 6.94 11.94
CA HIS A 245 -28.50 7.55 12.42
C HIS A 245 -29.21 6.57 13.42
N ALA A 246 -29.29 5.28 13.08
CA ALA A 246 -29.98 4.33 13.98
C ALA A 246 -29.32 4.22 15.42
N LEU A 247 -27.97 4.11 15.50
CA LEU A 247 -27.32 3.96 16.79
C LEU A 247 -27.48 5.22 17.65
N ASN A 248 -27.38 6.40 17.04
CA ASN A 248 -27.55 7.59 17.86
C ASN A 248 -29.07 7.77 18.27
N PHE A 249 -30.01 7.37 17.40
CA PHE A 249 -31.45 7.50 17.64
C PHE A 249 -31.89 6.61 18.79
N THR A 250 -31.46 5.34 18.78
CA THR A 250 -31.80 4.43 19.86
C THR A 250 -31.16 4.91 21.19
N LYS A 251 -29.94 5.44 21.13
CA LYS A 251 -29.30 5.97 22.34
C LYS A 251 -30.16 7.12 22.93
N THR A 252 -30.51 8.10 22.08
CA THR A 252 -31.35 9.26 22.47
C THR A 252 -32.74 8.91 23.01
N LYS A 253 -33.38 7.91 22.41
CA LYS A 253 -34.71 7.49 22.85
C LYS A 253 -34.69 6.44 23.95
N GLY A 254 -33.52 6.08 24.49
CA GLY A 254 -33.45 5.05 25.52
C GLY A 254 -33.85 3.62 25.13
N GLN A 255 -33.75 3.30 23.83
CA GLN A 255 -34.11 1.97 23.35
C GLN A 255 -32.86 1.09 23.50
N THR A 256 -32.57 0.71 24.75
CA THR A 256 -31.36 -0.08 25.06
C THR A 256 -31.26 -1.44 24.33
N GLU A 257 -32.33 -2.23 24.34
CA GLU A 257 -32.29 -3.52 23.64
C GLU A 257 -31.98 -3.40 22.13
N GLN A 258 -32.72 -2.52 21.46
CA GLN A 258 -32.52 -2.32 20.01
C GLN A 258 -31.06 -1.80 19.68
N HIS A 259 -30.54 -0.86 20.50
CA HIS A 259 -29.17 -0.30 20.32
C HIS A 259 -28.16 -1.49 20.36
N ASN A 260 -28.26 -2.32 21.41
CA ASN A 260 -27.39 -3.49 21.55
C ASN A 260 -27.56 -4.60 20.45
N GLU A 261 -28.77 -4.78 19.91
CA GLU A 261 -29.03 -5.78 18.88
C GLU A 261 -28.41 -5.32 17.55
N ILE A 262 -28.45 -4.01 17.28
CA ILE A 262 -27.81 -3.46 16.07
C ILE A 262 -26.29 -3.75 16.11
N LEU A 263 -25.65 -3.46 17.27
CA LEU A 263 -24.22 -3.73 17.44
C LEU A 263 -23.86 -5.22 17.28
N ARG A 264 -24.66 -6.08 17.92
CA ARG A 264 -24.43 -7.53 17.87
C ARG A 264 -24.48 -8.07 16.43
N ILE A 265 -25.46 -7.61 15.67
CA ILE A 265 -25.58 -8.10 14.27
C ILE A 265 -24.36 -7.65 13.41
N LEU A 266 -23.95 -6.39 13.56
CA LEU A 266 -22.79 -5.92 12.81
C LEU A 266 -21.53 -6.71 13.17
N LEU A 267 -21.35 -7.01 14.45
CA LEU A 267 -20.16 -7.77 14.88
C LEU A 267 -20.17 -9.25 14.44
N LEU A 268 -21.34 -9.79 14.04
CA LEU A 268 -21.38 -11.19 13.54
C LEU A 268 -20.62 -11.38 12.18
N ARG A 269 -20.55 -10.32 11.35
CA ARG A 269 -19.96 -10.38 9.97
C ARG A 269 -20.73 -11.55 9.22
N THR A 270 -22.08 -11.51 9.25
CA THR A 270 -22.91 -12.58 8.68
C THR A 270 -23.35 -12.47 7.20
N SER A 271 -23.46 -13.63 6.56
CA SER A 271 -23.97 -13.70 5.21
C SER A 271 -25.40 -14.30 5.23
N ASP A 272 -26.00 -14.52 6.41
CA ASP A 272 -27.38 -15.10 6.50
C ASP A 272 -28.38 -14.07 6.01
N LYS A 273 -29.20 -14.44 5.01
CA LYS A 273 -30.13 -13.45 4.43
C LYS A 273 -31.28 -13.00 5.35
N ASP A 274 -31.77 -13.89 6.22
CA ASP A 274 -32.86 -13.53 7.15
C ASP A 274 -32.35 -12.60 8.23
N ILE A 275 -31.11 -12.81 8.69
CA ILE A 275 -30.53 -11.91 9.73
C ILE A 275 -30.31 -10.47 9.11
N LYS A 276 -29.77 -10.41 7.90
CA LYS A 276 -29.62 -9.11 7.23
C LYS A 276 -30.99 -8.43 7.05
N LEU A 277 -32.02 -9.17 6.63
CA LEU A 277 -33.37 -8.53 6.46
C LEU A 277 -33.95 -8.08 7.81
N LYS A 278 -33.69 -8.83 8.89
CA LYS A 278 -34.17 -8.42 10.26
C LYS A 278 -33.61 -7.00 10.57
N LEU A 279 -32.30 -6.80 10.37
CA LEU A 279 -31.68 -5.48 10.65
C LEU A 279 -32.29 -4.36 9.77
N ILE A 280 -32.45 -4.62 8.47
CA ILE A 280 -33.04 -3.60 7.58
C ILE A 280 -34.45 -3.25 8.05
N GLN A 281 -35.24 -4.24 8.52
CA GLN A 281 -36.62 -3.91 8.95
C GLN A 281 -36.65 -3.16 10.32
N ILE A 282 -35.57 -3.32 11.12
CA ILE A 282 -35.42 -2.53 12.36
C ILE A 282 -35.21 -1.05 11.88
N LEU A 283 -34.36 -0.80 10.87
CA LEU A 283 -34.16 0.57 10.41
C LEU A 283 -35.41 1.14 9.73
N GLU A 284 -36.23 0.29 9.09
CA GLU A 284 -37.48 0.74 8.43
C GLU A 284 -38.63 1.14 9.42
N PHE A 285 -38.95 0.23 10.33
CA PHE A 285 -40.07 0.38 11.30
C PHE A 285 -39.75 0.93 12.72
N ASP A 286 -38.58 0.59 13.26
CA ASP A 286 -38.22 0.98 14.63
C ASP A 286 -37.53 2.33 14.82
N THR A 287 -36.53 2.64 13.99
CA THR A 287 -35.78 3.87 14.10
C THR A 287 -36.11 4.84 12.95
N ASN A 288 -36.83 4.36 11.93
CA ASN A 288 -37.14 5.14 10.70
C ASN A 288 -35.90 5.81 10.04
N SER A 289 -34.79 5.11 10.07
CA SER A 289 -33.51 5.57 9.51
C SER A 289 -33.52 5.61 7.95
N LEU A 290 -34.34 4.75 7.34
CA LEU A 290 -34.42 4.70 5.88
C LEU A 290 -35.17 5.94 5.34
N ALA A 291 -36.27 6.29 5.99
CA ALA A 291 -37.00 7.50 5.60
C ALA A 291 -36.12 8.77 5.87
N TYR A 292 -35.43 8.79 7.02
CA TYR A 292 -34.55 9.90 7.38
C TYR A 292 -33.48 10.14 6.31
N THR A 293 -32.86 9.05 5.88
CA THR A 293 -31.81 9.12 4.88
C THR A 293 -32.32 9.61 3.52
N LYS A 294 -33.45 9.07 3.06
CA LYS A 294 -34.03 9.52 1.76
C LYS A 294 -34.26 11.05 1.72
N ASN A 295 -34.88 11.58 2.77
CA ASN A 295 -35.16 13.02 2.89
C ASN A 295 -33.85 13.86 2.99
N PHE A 296 -32.86 13.32 3.69
CA PHE A 296 -31.59 14.03 3.86
C PHE A 296 -31.00 14.19 2.46
N ILE A 297 -31.05 13.12 1.67
CA ILE A 297 -30.49 13.17 0.34
C ILE A 297 -31.26 14.24 -0.51
N ASN A 298 -32.58 14.23 -0.45
CA ASN A 298 -33.39 15.20 -1.21
C ASN A 298 -33.02 16.65 -0.87
N GLN A 299 -32.81 16.92 0.41
CA GLN A 299 -32.48 18.26 0.84
C GLN A 299 -31.10 18.74 0.34
N LEU A 300 -30.18 17.80 0.09
CA LEU A 300 -28.85 18.15 -0.39
C LEU A 300 -28.92 18.42 -1.90
N VAL A 301 -29.77 17.68 -2.58
CA VAL A 301 -29.96 17.84 -4.01
C VAL A 301 -30.64 19.20 -4.28
N ASN A 302 -31.49 19.66 -3.35
CA ASN A 302 -32.17 20.94 -3.51
C ASN A 302 -31.21 22.10 -3.33
N MET A 303 -30.29 21.96 -2.38
CA MET A 303 -29.31 23.01 -2.15
C MET A 303 -28.60 23.30 -3.50
N ILE A 304 -28.55 22.29 -4.37
CA ILE A 304 -27.92 22.44 -5.68
C ILE A 304 -28.95 22.88 -6.70
N LYS A 305 -29.77 21.93 -7.13
CA LYS A 305 -30.82 22.25 -8.09
C LYS A 305 -31.39 23.64 -7.84
N ASN A 306 -31.61 24.00 -6.58
CA ASN A 306 -32.19 25.31 -6.28
C ASN A 306 -31.23 26.36 -5.77
N ASN B 4 -32.85 25.47 6.25
CA ASN B 4 -32.97 25.70 7.73
C ASN B 4 -31.58 25.70 8.34
N LYS B 5 -31.47 25.13 9.53
CA LYS B 5 -30.19 25.07 10.20
C LYS B 5 -29.24 24.08 9.53
N MET B 6 -29.84 23.05 8.95
CA MET B 6 -29.10 21.99 8.27
C MET B 6 -28.31 22.52 7.06
N GLU B 7 -28.96 23.29 6.20
CA GLU B 7 -28.29 23.85 5.04
C GLU B 7 -27.05 24.64 5.48
N ALA B 8 -27.18 25.32 6.61
CA ALA B 8 -26.12 26.16 7.14
C ALA B 8 -24.88 25.35 7.55
N LYS B 9 -25.11 24.21 8.18
CA LYS B 9 -24.01 23.35 8.61
C LYS B 9 -23.28 22.80 7.37
N ILE B 10 -24.05 22.32 6.40
CA ILE B 10 -23.51 21.77 5.15
C ILE B 10 -22.73 22.87 4.41
N ASP B 11 -23.24 24.07 4.50
CA ASP B 11 -22.61 25.18 3.84
C ASP B 11 -21.23 25.46 4.40
N GLU B 12 -21.09 25.46 5.72
CA GLU B 12 -19.79 25.68 6.33
C GLU B 12 -18.86 24.52 6.00
N LEU B 13 -19.38 23.30 6.12
CA LEU B 13 -18.60 22.10 5.83
C LEU B 13 -17.95 22.10 4.42
N ILE B 14 -18.74 22.33 3.38
CA ILE B 14 -18.19 22.27 2.02
C ILE B 14 -17.29 23.44 1.54
N ASN B 15 -17.25 24.53 2.29
CA ASN B 15 -16.43 25.71 1.99
C ASN B 15 -15.12 25.77 2.80
N ASN B 16 -14.83 24.77 3.61
CA ASN B 16 -13.61 24.76 4.42
C ASN B 16 -12.71 23.57 4.01
N ASP B 17 -11.46 23.52 4.46
CA ASP B 17 -10.61 22.35 4.13
C ASP B 17 -11.15 21.18 4.92
N PRO B 18 -10.84 19.93 4.52
CA PRO B 18 -11.41 18.83 5.36
C PRO B 18 -10.92 18.86 6.82
N VAL B 19 -11.81 18.52 7.77
CA VAL B 19 -11.46 18.54 9.21
C VAL B 19 -10.62 17.29 9.61
N TRP B 20 -9.47 17.48 10.28
CA TRP B 20 -8.58 16.41 10.79
C TRP B 20 -7.88 16.84 12.11
N SER B 21 -8.16 16.17 13.22
CA SER B 21 -7.59 16.52 14.56
C SER B 21 -6.33 15.75 14.97
N SER B 22 -5.67 16.18 16.05
CA SER B 22 -4.45 15.47 16.48
C SER B 22 -4.83 14.18 17.12
N GLN B 23 -6.06 14.10 17.61
CA GLN B 23 -6.52 12.87 18.18
C GLN B 23 -6.81 11.84 17.02
N ASN B 24 -7.32 12.31 15.90
CA ASN B 24 -7.55 11.44 14.72
C ASN B 24 -6.18 10.93 14.28
N GLU B 25 -5.20 11.83 14.26
CA GLU B 25 -3.84 11.44 13.83
C GLU B 25 -3.25 10.32 14.72
N SER B 26 -3.55 10.35 16.04
CA SER B 26 -3.01 9.32 16.90
C SER B 26 -3.70 8.02 16.67
N LEU B 27 -4.98 8.07 16.31
CA LEU B 27 -5.63 6.78 16.08
C LEU B 27 -4.95 6.10 14.90
N ILE B 28 -4.78 6.86 13.82
CA ILE B 28 -4.16 6.34 12.58
C ILE B 28 -2.71 5.90 12.71
N SER B 29 -1.99 6.47 13.68
CA SER B 29 -0.58 6.08 13.83
C SER B 29 -0.31 4.86 14.73
N LYS B 30 -1.33 4.29 15.36
CA LYS B 30 -1.09 3.19 16.30
C LYS B 30 -0.27 2.01 15.72
N PRO B 31 -0.59 1.60 14.48
CA PRO B 31 0.23 0.46 13.99
C PRO B 31 1.71 0.80 13.74
N TYR B 32 2.00 2.08 13.47
CA TYR B 32 3.37 2.52 13.19
C TYR B 32 4.19 2.72 14.50
N ASN B 33 3.62 3.42 15.47
CA ASN B 33 4.34 3.66 16.72
C ASN B 33 4.70 2.29 17.34
N HIS B 34 3.83 1.28 17.18
CA HIS B 34 4.16 -0.03 17.71
C HIS B 34 5.49 -0.61 17.20
N ILE B 35 5.87 -0.32 15.96
CA ILE B 35 7.14 -0.90 15.45
C ILE B 35 8.41 -0.10 15.83
N LEU B 36 8.24 1.13 16.29
CA LEU B 36 9.38 1.98 16.71
C LEU B 36 10.26 1.42 17.85
N LEU B 37 9.64 0.74 18.81
CA LEU B 37 10.32 0.14 19.98
C LEU B 37 11.43 -0.90 19.69
N GLN B 50 27.99 9.83 8.97
CA GLN B 50 29.16 9.02 8.52
C GLN B 50 29.40 9.14 7.01
N ILE B 51 28.33 9.04 6.21
CA ILE B 51 28.41 9.18 4.75
C ILE B 51 28.53 10.67 4.49
N ASN B 52 27.93 11.45 5.40
CA ASN B 52 27.92 12.90 5.30
C ASN B 52 29.34 13.47 5.47
N ARG B 53 30.22 12.70 6.12
CA ARG B 53 31.60 13.12 6.34
C ARG B 53 32.10 13.53 4.96
N VAL B 54 31.59 12.83 3.95
CA VAL B 54 31.94 13.09 2.58
C VAL B 54 31.04 14.10 1.87
N MET B 55 29.72 14.00 2.10
CA MET B 55 28.80 14.89 1.39
C MET B 55 28.63 16.25 2.01
N ASN B 56 28.88 16.34 3.32
CA ASN B 56 28.78 17.60 4.05
C ASN B 56 27.49 18.39 3.97
N LEU B 57 26.36 17.77 4.32
CA LEU B 57 25.10 18.49 4.29
C LEU B 57 24.86 19.20 5.63
N PRO B 58 24.23 20.40 5.60
CA PRO B 58 23.95 21.15 6.81
C PRO B 58 23.12 20.29 7.75
N LYS B 59 23.65 20.04 8.94
CA LYS B 59 23.02 19.21 9.94
C LYS B 59 21.51 19.16 10.00
N ASP B 60 20.83 20.21 9.60
CA ASP B 60 19.40 20.14 9.69
C ASP B 60 18.73 19.65 8.40
N GLN B 61 19.44 19.74 7.29
CA GLN B 61 18.92 19.21 6.03
C GLN B 61 19.11 17.71 6.24
N LEU B 62 20.24 17.35 6.83
CA LEU B 62 20.57 15.96 7.12
C LEU B 62 19.47 15.26 7.98
N ALA B 63 18.79 16.03 8.84
CA ALA B 63 17.73 15.46 9.70
C ALA B 63 16.45 15.02 8.96
N ILE B 64 16.06 15.84 7.99
CA ILE B 64 14.90 15.54 7.17
C ILE B 64 15.18 14.28 6.31
N VAL B 65 16.37 14.15 5.74
CA VAL B 65 16.68 12.97 4.94
C VAL B 65 16.59 11.74 5.85
N SER B 66 17.11 11.89 7.06
CA SER B 66 17.04 10.80 7.99
C SER B 66 15.57 10.45 8.33
N GLN B 67 14.69 11.44 8.48
CA GLN B 67 13.25 11.18 8.77
C GLN B 67 12.56 10.45 7.61
N ILE B 68 12.92 10.83 6.39
CA ILE B 68 12.36 10.24 5.16
C ILE B 68 12.70 8.76 5.06
N VAL B 69 14.00 8.47 5.22
CA VAL B 69 14.48 7.12 5.15
C VAL B 69 13.85 6.25 6.24
N GLU B 70 13.71 6.78 7.46
CA GLU B 70 13.12 6.00 8.54
C GLU B 70 11.64 5.70 8.30
N LEU B 71 10.91 6.69 7.82
CA LEU B 71 9.50 6.52 7.50
C LEU B 71 9.35 5.40 6.43
N LEU B 72 10.10 5.51 5.34
CA LEU B 72 10.04 4.50 4.28
C LEU B 72 10.43 3.06 4.71
N HIS B 73 11.50 2.96 5.49
CA HIS B 73 11.98 1.67 5.97
C HIS B 73 10.99 1.02 6.92
N ASN B 74 10.57 1.71 7.97
CA ASN B 74 9.64 1.09 8.91
C ASN B 74 8.28 0.68 8.24
N SER B 75 7.78 1.53 7.34
CA SER B 75 6.51 1.25 6.64
C SER B 75 6.60 0.04 5.71
N SER B 76 7.71 -0.08 4.98
CA SER B 76 7.88 -1.23 4.10
C SER B 76 7.98 -2.52 4.95
N LEU B 77 8.51 -2.40 6.18
CA LEU B 77 8.60 -3.60 7.01
C LEU B 77 7.19 -4.07 7.48
N LEU B 78 6.31 -3.12 7.82
CA LEU B 78 4.94 -3.44 8.24
C LEU B 78 4.26 -4.25 7.09
N ILE B 79 4.46 -3.77 5.85
CA ILE B 79 3.83 -4.44 4.66
C ILE B 79 4.51 -5.82 4.40
N ASP B 80 5.83 -5.86 4.53
CA ASP B 80 6.58 -7.10 4.31
C ASP B 80 6.08 -8.19 5.26
N ASP B 81 5.84 -7.85 6.54
CA ASP B 81 5.39 -8.86 7.51
C ASP B 81 3.96 -9.44 7.18
N ILE B 82 3.09 -8.59 6.63
CA ILE B 82 1.77 -9.09 6.17
C ILE B 82 1.97 -10.04 4.94
N GLU B 83 2.82 -9.62 3.98
CA GLU B 83 3.11 -10.39 2.75
C GLU B 83 3.76 -11.75 3.05
N ASP B 84 4.40 -11.87 4.21
CA ASP B 84 5.12 -13.13 4.60
C ASP B 84 4.36 -13.90 5.70
N ASN B 85 3.25 -13.36 6.18
CA ASN B 85 2.46 -14.03 7.29
C ASN B 85 3.38 -14.24 8.53
N ALA B 86 4.10 -13.21 8.91
CA ALA B 86 5.06 -13.33 10.00
C ALA B 86 4.53 -13.06 11.39
N PRO B 87 4.86 -13.95 12.36
CA PRO B 87 4.41 -13.79 13.74
C PRO B 87 5.26 -12.82 14.58
N LEU B 88 6.55 -12.70 14.28
CA LEU B 88 7.46 -11.83 15.07
C LEU B 88 8.40 -10.91 14.26
N ARG B 89 8.80 -9.78 14.87
CA ARG B 89 9.72 -8.77 14.32
C ARG B 89 10.38 -8.00 15.49
N ARG B 90 11.70 -7.87 15.47
CA ARG B 90 12.44 -7.19 16.54
C ARG B 90 12.01 -7.77 17.94
N GLY B 91 11.73 -9.08 17.96
CA GLY B 91 11.33 -9.77 19.19
C GLY B 91 9.95 -9.59 19.79
N GLN B 92 9.02 -8.92 19.10
CA GLN B 92 7.65 -8.67 19.59
C GLN B 92 6.60 -9.10 18.55
N THR B 93 5.37 -9.35 18.99
CA THR B 93 4.29 -9.72 18.09
C THR B 93 4.22 -8.65 16.92
N THR B 94 3.93 -9.08 15.68
CA THR B 94 3.84 -8.13 14.54
C THR B 94 2.60 -7.21 14.63
N SER B 95 2.69 -5.97 14.13
CA SER B 95 1.56 -5.07 14.20
C SER B 95 0.25 -5.63 13.63
N HIS B 96 0.30 -6.34 12.48
CA HIS B 96 -0.98 -6.84 11.92
C HIS B 96 -1.73 -7.82 12.82
N LEU B 97 -1.01 -8.54 13.68
CA LEU B 97 -1.71 -9.50 14.59
C LEU B 97 -2.36 -8.78 15.81
N ILE B 98 -1.97 -7.54 16.06
CA ILE B 98 -2.52 -6.71 17.15
C ILE B 98 -3.65 -5.76 16.67
N PHE B 99 -3.40 -4.97 15.60
CA PHE B 99 -4.39 -4.00 15.09
C PHE B 99 -5.19 -4.49 13.90
N GLY B 100 -4.78 -5.62 13.32
CA GLY B 100 -5.46 -6.21 12.18
C GLY B 100 -4.78 -5.88 10.85
N VAL B 101 -4.98 -6.74 9.88
CA VAL B 101 -4.41 -6.51 8.55
C VAL B 101 -4.96 -5.18 7.91
N PRO B 102 -6.30 -4.93 7.96
CA PRO B 102 -6.85 -3.69 7.34
C PRO B 102 -6.21 -2.38 7.81
N SER B 103 -6.27 -2.13 9.11
CA SER B 103 -5.64 -0.91 9.62
C SER B 103 -4.14 -0.84 9.33
N THR B 104 -3.43 -1.99 9.36
CA THR B 104 -1.95 -1.95 9.16
C THR B 104 -1.52 -1.61 7.73
N ILE B 105 -2.27 -2.11 6.71
CA ILE B 105 -1.99 -1.75 5.32
C ILE B 105 -2.21 -0.23 5.12
N ASN B 106 -3.35 0.29 5.58
CA ASN B 106 -3.69 1.70 5.35
C ASN B 106 -2.70 2.64 6.03
N THR B 107 -2.28 2.31 7.26
CA THR B 107 -1.33 3.14 7.99
C THR B 107 0.03 3.16 7.30
N ALA B 108 0.52 2.02 6.83
CA ALA B 108 1.83 1.98 6.16
C ALA B 108 1.77 2.81 4.90
N ASN B 109 0.67 2.63 4.13
CA ASN B 109 0.51 3.37 2.88
C ASN B 109 0.42 4.90 3.16
N TYR B 110 -0.28 5.28 4.22
CA TYR B 110 -0.38 6.69 4.62
C TYR B 110 1.02 7.27 4.82
N MET B 111 1.88 6.51 5.52
CA MET B 111 3.26 7.00 5.82
C MET B 111 4.15 7.12 4.54
N TYR B 112 3.93 6.31 3.51
CA TYR B 112 4.67 6.49 2.24
C TYR B 112 4.39 7.93 1.72
N PHE B 113 3.13 8.38 1.81
CA PHE B 113 2.83 9.73 1.31
C PHE B 113 3.25 10.85 2.27
N ARG B 114 3.35 10.54 3.57
CA ARG B 114 3.87 11.54 4.53
C ARG B 114 5.38 11.71 4.19
N ALA B 115 6.08 10.63 3.83
CA ALA B 115 7.52 10.79 3.50
C ALA B 115 7.71 11.59 2.20
N MET B 116 6.81 11.37 1.25
CA MET B 116 6.83 12.10 -0.03
C MET B 116 6.71 13.61 0.26
N GLN B 117 5.94 13.98 1.29
CA GLN B 117 5.73 15.41 1.61
C GLN B 117 6.95 16.10 2.25
N LEU B 118 7.78 15.36 2.98
CA LEU B 118 9.00 15.91 3.58
C LEU B 118 10.06 16.28 2.53
N VAL B 119 9.99 15.67 1.34
CA VAL B 119 10.93 16.05 0.27
C VAL B 119 10.89 17.59 -0.05
N SER B 120 9.70 18.19 -0.07
CA SER B 120 9.64 19.62 -0.43
C SER B 120 10.23 20.48 0.69
N GLN B 121 10.51 19.88 1.83
CA GLN B 121 11.13 20.66 2.86
C GLN B 121 12.68 20.63 2.70
N LEU B 122 13.19 19.82 1.77
CA LEU B 122 14.65 19.78 1.59
C LEU B 122 15.17 21.03 0.84
N THR B 123 14.35 21.58 -0.06
CA THR B 123 14.70 22.78 -0.86
C THR B 123 13.46 23.32 -1.59
N THR B 124 13.49 24.62 -1.95
CA THR B 124 12.41 25.22 -2.75
C THR B 124 12.95 25.52 -4.18
N LYS B 125 14.27 25.34 -4.41
CA LYS B 125 14.85 25.59 -5.75
C LYS B 125 14.12 24.62 -6.69
N GLU B 126 13.24 25.18 -7.51
CA GLU B 126 12.38 24.42 -8.44
C GLU B 126 13.07 23.39 -9.34
N PRO B 127 14.29 23.71 -9.84
CA PRO B 127 15.03 22.76 -10.70
C PRO B 127 15.43 21.47 -9.89
N LEU B 128 16.19 21.69 -8.81
CA LEU B 128 16.64 20.63 -7.90
C LEU B 128 15.49 19.80 -7.25
N TYR B 129 14.40 20.47 -6.88
CA TYR B 129 13.27 19.80 -6.29
C TYR B 129 12.76 18.69 -7.21
N HIS B 130 12.69 19.01 -8.50
CA HIS B 130 12.21 18.06 -9.48
C HIS B 130 13.12 16.84 -9.54
N ASN B 131 14.42 17.08 -9.47
CA ASN B 131 15.35 15.96 -9.50
C ASN B 131 15.21 15.11 -8.25
N LEU B 132 14.96 15.73 -7.10
CA LEU B 132 14.81 14.96 -5.85
C LEU B 132 13.54 14.08 -5.91
N ILE B 133 12.43 14.64 -6.40
CA ILE B 133 11.18 13.85 -6.56
C ILE B 133 11.35 12.68 -7.58
N THR B 134 12.10 12.92 -8.66
CA THR B 134 12.39 11.90 -9.66
C THR B 134 13.20 10.76 -9.04
N ILE B 135 14.15 11.07 -8.16
CA ILE B 135 14.95 10.03 -7.50
C ILE B 135 14.03 9.16 -6.57
N PHE B 136 13.18 9.84 -5.82
CA PHE B 136 12.23 9.22 -4.84
C PHE B 136 11.28 8.28 -5.65
N ASN B 137 10.69 8.78 -6.74
CA ASN B 137 9.75 7.98 -7.58
C ASN B 137 10.46 6.72 -8.20
N GLU B 138 11.60 6.94 -8.88
CA GLU B 138 12.38 5.84 -9.48
C GLU B 138 12.78 4.73 -8.50
N GLU B 139 13.31 5.08 -7.33
CA GLU B 139 13.71 4.01 -6.43
C GLU B 139 12.55 3.29 -5.75
N LEU B 140 11.42 3.97 -5.52
CA LEU B 140 10.26 3.23 -4.94
C LEU B 140 9.68 2.27 -6.06
N ILE B 141 9.72 2.70 -7.32
CA ILE B 141 9.31 1.79 -8.41
C ILE B 141 10.27 0.55 -8.43
N ASN B 142 11.57 0.77 -8.23
CA ASN B 142 12.51 -0.37 -8.25
C ASN B 142 12.28 -1.31 -7.04
N LEU B 143 12.06 -0.75 -5.84
CA LEU B 143 11.79 -1.61 -4.66
C LEU B 143 10.52 -2.50 -4.94
N HIS B 144 9.46 -1.92 -5.51
CA HIS B 144 8.27 -2.72 -5.72
C HIS B 144 8.40 -3.78 -6.82
N ARG B 145 9.12 -3.48 -7.91
CA ARG B 145 9.40 -4.45 -8.98
C ARG B 145 10.22 -5.68 -8.38
N GLY B 146 11.23 -5.39 -7.54
CA GLY B 146 12.00 -6.46 -6.94
C GLY B 146 11.22 -7.31 -5.93
N GLN B 147 10.50 -6.62 -5.01
CA GLN B 147 9.65 -7.35 -4.05
C GLN B 147 8.57 -8.16 -4.83
N GLY B 148 8.03 -7.60 -5.93
CA GLY B 148 7.00 -8.32 -6.71
C GLY B 148 7.46 -9.66 -7.31
N LEU B 149 8.69 -9.68 -7.79
CA LEU B 149 9.29 -10.88 -8.42
C LEU B 149 9.65 -11.93 -7.34
N ASP B 150 10.16 -11.48 -6.18
CA ASP B 150 10.52 -12.37 -5.07
C ASP B 150 9.19 -13.07 -4.59
N ILE B 151 8.12 -12.30 -4.43
CA ILE B 151 6.82 -12.88 -4.02
C ILE B 151 6.24 -13.87 -5.09
N TYR B 152 6.29 -13.47 -6.36
CA TYR B 152 5.81 -14.30 -7.46
C TYR B 152 6.53 -15.66 -7.44
N TRP B 153 7.86 -15.67 -7.43
CA TRP B 153 8.60 -16.92 -7.40
C TRP B 153 8.14 -17.82 -6.24
N ARG B 154 8.03 -17.24 -5.05
CA ARG B 154 7.60 -18.01 -3.89
C ARG B 154 6.16 -18.58 -3.97
N ASP B 155 5.23 -17.75 -4.42
CA ASP B 155 3.81 -18.13 -4.46
C ASP B 155 3.40 -18.95 -5.71
N PHE B 156 4.19 -18.92 -6.76
CA PHE B 156 3.86 -19.75 -7.91
C PHE B 156 4.77 -21.03 -7.97
N LEU B 157 5.65 -21.22 -6.98
CA LEU B 157 6.54 -22.41 -6.96
C LEU B 157 5.65 -23.69 -7.04
N PRO B 158 6.06 -24.72 -7.82
CA PRO B 158 7.25 -24.90 -8.68
C PRO B 158 7.15 -24.52 -10.16
N GLU B 159 6.38 -23.49 -10.49
CA GLU B 159 6.28 -23.06 -11.91
C GLU B 159 7.64 -22.54 -12.44
N ILE B 160 8.32 -21.67 -11.68
CA ILE B 160 9.59 -21.04 -12.11
C ILE B 160 10.66 -21.23 -11.04
N ILE B 161 11.83 -21.76 -11.40
CA ILE B 161 12.92 -21.90 -10.41
C ILE B 161 14.00 -20.93 -10.92
N PRO B 162 14.24 -19.84 -10.18
CA PRO B 162 15.27 -18.92 -10.71
C PRO B 162 16.71 -19.43 -10.67
N THR B 163 17.52 -18.83 -11.53
CA THR B 163 18.93 -19.15 -11.60
C THR B 163 19.64 -18.10 -10.71
N GLN B 164 20.94 -18.26 -10.54
CA GLN B 164 21.74 -17.31 -9.74
C GLN B 164 21.64 -15.90 -10.36
N GLU B 165 21.84 -15.79 -11.68
CA GLU B 165 21.77 -14.49 -12.40
C GLU B 165 20.43 -13.77 -12.21
N MET B 166 19.35 -14.54 -12.28
CA MET B 166 17.98 -13.98 -12.09
C MET B 166 17.83 -13.49 -10.63
N TYR B 167 18.35 -14.27 -9.67
CA TYR B 167 18.32 -13.89 -8.24
C TYR B 167 19.02 -12.53 -8.01
N LEU B 168 20.24 -12.37 -8.55
CA LEU B 168 21.00 -11.12 -8.35
C LEU B 168 20.32 -9.92 -9.00
N ASN B 169 19.67 -10.10 -10.14
CA ASN B 169 18.93 -8.99 -10.73
C ASN B 169 17.73 -8.53 -9.85
N MET B 170 17.08 -9.50 -9.21
CA MET B 170 15.96 -9.22 -8.28
C MET B 170 16.45 -8.40 -7.09
N VAL B 171 17.61 -8.81 -6.55
CA VAL B 171 18.21 -8.07 -5.41
C VAL B 171 18.64 -6.63 -5.81
N MET B 172 19.18 -6.43 -7.00
CA MET B 172 19.56 -5.07 -7.43
C MET B 172 18.30 -4.17 -7.40
N ASN B 173 17.14 -4.71 -7.78
CA ASN B 173 15.87 -3.94 -7.70
C ASN B 173 15.39 -3.78 -6.24
N LYS B 174 15.17 -4.89 -5.52
CA LYS B 174 14.61 -4.89 -4.16
C LYS B 174 15.43 -4.20 -3.08
N THR B 175 16.50 -4.89 -2.67
CA THR B 175 17.40 -4.41 -1.64
C THR B 175 18.12 -3.13 -2.10
N GLY B 176 18.50 -3.08 -3.36
CA GLY B 176 19.17 -1.90 -3.85
C GLY B 176 18.37 -0.61 -3.77
N GLY B 177 17.07 -0.66 -4.02
CA GLY B 177 16.26 0.54 -3.96
C GLY B 177 16.40 1.53 -2.80
N LEU B 178 16.27 1.11 -1.54
CA LEU B 178 16.43 2.08 -0.44
C LEU B 178 17.90 2.49 -0.13
N PHE B 179 18.89 1.66 -0.50
CA PHE B 179 20.32 2.02 -0.32
C PHE B 179 20.63 3.14 -1.35
N ARG B 180 20.25 2.91 -2.61
CA ARG B 180 20.44 3.88 -3.69
C ARG B 180 19.63 5.14 -3.36
N LEU B 181 18.40 5.00 -2.84
CA LEU B 181 17.58 6.18 -2.51
C LEU B 181 18.31 7.11 -1.53
N THR B 182 18.78 6.57 -0.41
CA THR B 182 19.52 7.37 0.59
C THR B 182 20.77 8.09 0.00
N LEU B 183 21.58 7.32 -0.74
CA LEU B 183 22.81 7.80 -1.33
C LEU B 183 22.59 8.87 -2.39
N ARG B 184 21.67 8.60 -3.33
CA ARG B 184 21.35 9.55 -4.42
C ARG B 184 20.77 10.90 -3.96
N LEU B 185 19.93 10.90 -2.92
CA LEU B 185 19.39 12.15 -2.41
C LEU B 185 20.57 12.95 -1.85
N MET B 186 21.43 12.31 -1.06
CA MET B 186 22.60 13.01 -0.48
C MET B 186 23.62 13.57 -1.50
N GLU B 187 23.89 12.83 -2.57
CA GLU B 187 24.83 13.32 -3.58
C GLU B 187 24.21 14.50 -4.32
N ALA B 188 22.90 14.47 -4.56
CA ALA B 188 22.26 15.57 -5.28
C ALA B 188 22.26 16.86 -4.48
N LEU B 189 22.16 16.73 -3.15
CA LEU B 189 22.15 17.90 -2.28
C LEU B 189 23.56 18.37 -1.86
N SER B 190 24.58 17.56 -2.06
CA SER B 190 25.92 17.95 -1.63
C SER B 190 26.39 19.32 -2.12
N PRO B 191 26.93 20.14 -1.20
CA PRO B 191 27.44 21.49 -1.50
C PRO B 191 28.88 21.40 -2.02
N SER B 192 29.50 20.25 -1.80
CA SER B 192 30.86 20.00 -2.24
C SER B 192 30.75 19.71 -3.73
N SER B 198 30.93 9.23 -7.57
CA SER B 198 29.62 8.62 -7.12
C SER B 198 29.90 7.28 -6.50
N LEU B 199 29.33 7.09 -5.32
CA LEU B 199 29.48 5.87 -4.55
C LEU B 199 28.30 4.89 -4.77
N VAL B 200 27.46 5.15 -5.77
CA VAL B 200 26.36 4.22 -6.08
C VAL B 200 26.89 2.78 -6.29
N PRO B 201 27.90 2.59 -7.17
CA PRO B 201 28.43 1.23 -7.38
C PRO B 201 28.79 0.53 -6.05
N PHE B 202 29.39 1.28 -5.15
CA PHE B 202 29.78 0.77 -3.83
C PHE B 202 28.56 0.42 -2.96
N ILE B 203 27.54 1.28 -3.05
CA ILE B 203 26.33 1.03 -2.26
C ILE B 203 25.55 -0.18 -2.84
N ASN B 204 25.64 -0.40 -4.15
CA ASN B 204 24.97 -1.53 -4.81
C ASN B 204 25.63 -2.81 -4.31
N LEU B 205 26.98 -2.87 -4.29
CA LEU B 205 27.68 -4.08 -3.80
C LEU B 205 27.42 -4.29 -2.31
N LEU B 206 27.32 -3.20 -1.54
CA LEU B 206 27.01 -3.35 -0.13
C LEU B 206 25.62 -4.02 0.05
N GLY B 207 24.61 -3.54 -0.69
CA GLY B 207 23.28 -4.14 -0.59
C GLY B 207 23.25 -5.63 -0.97
N ILE B 208 24.02 -6.03 -1.97
CA ILE B 208 24.08 -7.44 -2.35
C ILE B 208 24.70 -8.30 -1.25
N ILE B 209 25.79 -7.82 -0.64
CA ILE B 209 26.42 -8.60 0.44
C ILE B 209 25.42 -8.75 1.59
N TYR B 210 24.79 -7.63 1.94
CA TYR B 210 23.85 -7.61 3.03
C TYR B 210 22.69 -8.62 2.82
N GLN B 211 22.11 -8.69 1.62
CA GLN B 211 21.00 -9.62 1.40
C GLN B 211 21.43 -11.09 1.44
N ILE B 212 22.58 -11.41 0.84
CA ILE B 212 23.03 -12.84 0.83
C ILE B 212 23.41 -13.28 2.27
N ARG B 213 24.02 -12.37 3.02
CA ARG B 213 24.42 -12.66 4.40
C ARG B 213 23.17 -12.92 5.26
N ASP B 214 22.11 -12.15 5.03
CA ASP B 214 20.84 -12.28 5.76
C ASP B 214 20.26 -13.69 5.46
N ASP B 215 20.20 -14.07 4.19
CA ASP B 215 19.70 -15.41 3.80
C ASP B 215 20.56 -16.54 4.48
N TYR B 216 21.87 -16.35 4.46
CA TYR B 216 22.82 -17.33 5.03
C TYR B 216 22.62 -17.52 6.54
N LEU B 217 22.64 -16.43 7.29
CA LEU B 217 22.48 -16.47 8.75
C LEU B 217 21.10 -16.95 9.18
N ASN B 218 20.07 -16.74 8.35
CA ASN B 218 18.74 -17.24 8.73
C ASN B 218 18.80 -18.78 8.89
N LEU B 219 19.63 -19.48 8.10
CA LEU B 219 19.76 -20.96 8.18
C LEU B 219 20.82 -21.40 9.25
N LYS B 220 22.02 -20.82 9.16
CA LYS B 220 23.15 -21.10 10.08
C LYS B 220 22.78 -20.83 11.58
N ASP B 221 22.09 -19.72 11.86
CA ASP B 221 21.66 -19.40 13.24
C ASP B 221 20.75 -20.48 13.87
N PHE B 222 19.91 -21.10 13.05
CA PHE B 222 19.00 -22.16 13.50
C PHE B 222 19.79 -23.43 13.80
N GLN B 223 20.66 -23.77 12.86
CA GLN B 223 21.50 -24.96 12.93
C GLN B 223 22.24 -25.02 14.27
N PHE B 230 15.04 -19.47 14.40
CA PHE B 230 13.78 -20.18 13.94
C PHE B 230 13.79 -20.60 12.45
N ALA B 231 14.70 -20.03 11.67
CA ALA B 231 14.81 -20.32 10.23
C ALA B 231 13.46 -20.12 9.51
N GLU B 232 12.81 -19.00 9.79
CA GLU B 232 11.53 -18.66 9.17
C GLU B 232 11.52 -18.60 7.62
N ASP B 233 12.68 -18.48 6.98
CA ASP B 233 12.71 -18.45 5.49
C ASP B 233 12.21 -19.79 4.89
N ILE B 234 12.40 -20.89 5.64
CA ILE B 234 11.92 -22.21 5.20
C ILE B 234 10.39 -22.25 5.36
N THR B 235 9.89 -21.80 6.50
CA THR B 235 8.43 -21.77 6.74
C THR B 235 7.71 -20.95 5.64
N GLU B 236 8.36 -19.88 5.22
CA GLU B 236 7.81 -18.98 4.20
C GLU B 236 7.92 -19.53 2.74
N GLY B 237 8.86 -20.47 2.51
CA GLY B 237 9.07 -21.08 1.18
C GLY B 237 9.89 -20.24 0.21
N LYS B 238 10.66 -19.32 0.78
CA LYS B 238 11.52 -18.37 0.03
C LYS B 238 12.62 -18.91 -0.90
N LEU B 239 12.77 -18.31 -2.09
CA LEU B 239 13.86 -18.75 -3.00
C LEU B 239 15.13 -18.00 -2.55
N SER B 240 15.70 -18.38 -1.40
CA SER B 240 16.91 -17.71 -0.86
C SER B 240 18.21 -18.04 -1.66
N PHE B 241 19.29 -17.28 -1.44
CA PHE B 241 20.51 -17.60 -2.20
C PHE B 241 20.96 -19.09 -2.08
N PRO B 242 21.00 -19.69 -0.88
CA PRO B 242 21.41 -21.10 -0.68
C PRO B 242 20.47 -22.11 -1.34
N ILE B 243 19.17 -21.77 -1.32
CA ILE B 243 18.16 -22.62 -1.91
C ILE B 243 18.28 -22.59 -3.44
N VAL B 244 18.58 -21.43 -3.99
CA VAL B 244 18.74 -21.32 -5.44
C VAL B 244 19.95 -22.21 -5.89
N HIS B 245 21.05 -22.14 -5.13
CA HIS B 245 22.22 -22.98 -5.47
C HIS B 245 21.87 -24.46 -5.42
N ALA B 246 21.20 -24.88 -4.35
CA ALA B 246 20.84 -26.28 -4.18
C ALA B 246 19.95 -26.87 -5.31
N LEU B 247 18.93 -26.12 -5.71
CA LEU B 247 18.03 -26.57 -6.77
C LEU B 247 18.77 -26.66 -8.12
N ASN B 248 19.56 -25.66 -8.46
CA ASN B 248 20.25 -25.79 -9.73
C ASN B 248 21.39 -26.85 -9.72
N PHE B 249 21.99 -27.11 -8.57
CA PHE B 249 23.07 -28.12 -8.40
C PHE B 249 22.46 -29.50 -8.63
N THR B 250 21.40 -29.83 -7.89
CA THR B 250 20.72 -31.13 -8.06
C THR B 250 20.21 -31.30 -9.50
N LYS B 251 19.75 -30.21 -10.11
CA LYS B 251 19.26 -30.33 -11.49
C LYS B 251 20.42 -30.65 -12.47
N THR B 252 21.53 -29.89 -12.36
CA THR B 252 22.73 -30.08 -13.20
C THR B 252 23.33 -31.49 -13.11
N LYS B 253 23.36 -32.06 -11.91
CA LYS B 253 23.88 -33.41 -11.65
C LYS B 253 22.86 -34.54 -11.85
N GLY B 254 21.64 -34.19 -12.32
CA GLY B 254 20.62 -35.20 -12.52
C GLY B 254 20.12 -35.91 -11.26
N GLN B 255 20.26 -35.27 -10.07
CA GLN B 255 19.82 -35.88 -8.79
C GLN B 255 18.31 -35.65 -8.55
N THR B 256 17.51 -36.30 -9.36
CA THR B 256 16.06 -36.22 -9.32
C THR B 256 15.37 -36.28 -7.96
N GLU B 257 15.66 -37.31 -7.18
CA GLU B 257 15.01 -37.43 -5.89
C GLU B 257 15.29 -36.28 -4.90
N GLN B 258 16.56 -35.85 -4.80
CA GLN B 258 16.91 -34.77 -3.89
C GLN B 258 16.30 -33.42 -4.33
N HIS B 259 16.34 -33.15 -5.65
CA HIS B 259 15.75 -31.94 -6.27
C HIS B 259 14.27 -31.85 -5.82
N ASN B 260 13.54 -32.95 -5.99
CA ASN B 260 12.16 -33.02 -5.59
C ASN B 260 11.93 -32.92 -4.07
N GLU B 261 12.82 -33.46 -3.25
CA GLU B 261 12.63 -33.42 -1.80
C GLU B 261 12.75 -31.98 -1.29
N ILE B 262 13.69 -31.21 -1.84
CA ILE B 262 13.83 -29.80 -1.48
C ILE B 262 12.50 -29.06 -1.78
N LEU B 263 11.95 -29.28 -3.00
CA LEU B 263 10.68 -28.64 -3.39
C LEU B 263 9.55 -29.04 -2.44
N ARG B 264 9.41 -30.32 -2.11
CA ARG B 264 8.34 -30.77 -1.21
C ARG B 264 8.36 -30.09 0.18
N ILE B 265 9.53 -29.97 0.76
CA ILE B 265 9.63 -29.36 2.08
C ILE B 265 9.30 -27.87 1.98
N LEU B 266 9.80 -27.16 0.96
CA LEU B 266 9.46 -25.71 0.79
C LEU B 266 7.93 -25.50 0.62
N LEU B 267 7.29 -26.37 -0.16
CA LEU B 267 5.84 -26.28 -0.40
C LEU B 267 4.99 -26.63 0.83
N LEU B 268 5.59 -27.25 1.86
CA LEU B 268 4.83 -27.60 3.11
C LEU B 268 4.48 -26.37 3.99
N ARG B 269 5.23 -25.27 3.84
CA ARG B 269 5.03 -24.12 4.69
C ARG B 269 5.05 -24.62 6.16
N THR B 270 6.08 -25.37 6.52
CA THR B 270 6.11 -25.96 7.88
C THR B 270 6.82 -25.17 9.00
N SER B 271 6.31 -25.35 10.21
CA SER B 271 6.92 -24.78 11.42
C SER B 271 7.58 -25.97 12.21
N ASP B 272 7.54 -27.19 11.69
CA ASP B 272 8.12 -28.37 12.38
C ASP B 272 9.67 -28.32 12.41
N LYS B 273 10.25 -28.16 13.60
CA LYS B 273 11.71 -28.10 13.72
C LYS B 273 12.48 -29.31 13.10
N ASP B 274 11.94 -30.49 13.23
CA ASP B 274 12.61 -31.71 12.72
C ASP B 274 12.68 -31.72 11.17
N ILE B 275 11.66 -31.16 10.51
CA ILE B 275 11.63 -31.11 9.04
C ILE B 275 12.54 -30.01 8.52
N LYS B 276 12.56 -28.86 9.19
CA LYS B 276 13.48 -27.80 8.81
C LYS B 276 14.92 -28.34 8.93
N LEU B 277 15.22 -29.11 9.98
CA LEU B 277 16.59 -29.65 10.15
C LEU B 277 16.94 -30.61 8.98
N LYS B 278 15.95 -31.39 8.55
CA LYS B 278 16.15 -32.31 7.44
C LYS B 278 16.54 -31.55 6.18
N LEU B 279 15.91 -30.40 5.93
CA LEU B 279 16.25 -29.63 4.72
C LEU B 279 17.66 -29.05 4.84
N ILE B 280 17.97 -28.56 6.05
CA ILE B 280 19.29 -27.98 6.32
C ILE B 280 20.39 -29.06 6.10
N GLN B 281 20.08 -30.30 6.45
CA GLN B 281 21.02 -31.42 6.24
C GLN B 281 21.32 -31.69 4.77
N ILE B 282 20.31 -31.59 3.90
CA ILE B 282 20.51 -31.79 2.46
C ILE B 282 21.44 -30.74 1.90
N LEU B 283 21.27 -29.50 2.35
CA LEU B 283 22.10 -28.39 1.88
C LEU B 283 23.54 -28.48 2.40
N GLU B 284 23.72 -29.09 3.55
CA GLU B 284 25.06 -29.22 4.09
C GLU B 284 25.79 -30.49 3.56
N PHE B 285 25.13 -31.65 3.57
CA PHE B 285 25.71 -32.94 3.14
C PHE B 285 25.60 -33.37 1.67
N ASP B 286 24.56 -32.94 0.95
CA ASP B 286 24.43 -33.31 -0.45
C ASP B 286 24.96 -32.29 -1.43
N THR B 287 24.52 -31.04 -1.26
CA THR B 287 24.88 -29.94 -2.20
C THR B 287 26.01 -28.98 -1.76
N ASN B 288 26.37 -29.04 -0.48
CA ASN B 288 27.39 -28.16 0.09
C ASN B 288 27.01 -26.70 -0.23
N SER B 289 25.72 -26.37 -0.08
CA SER B 289 25.27 -24.98 -0.37
C SER B 289 25.63 -23.93 0.68
N LEU B 290 25.82 -24.33 1.94
CA LEU B 290 26.18 -23.34 2.95
C LEU B 290 27.67 -22.88 2.76
N ALA B 291 28.57 -23.83 2.50
CA ALA B 291 29.98 -23.55 2.22
C ALA B 291 30.07 -22.73 0.93
N TYR B 292 29.24 -23.06 -0.06
CA TYR B 292 29.29 -22.33 -1.32
C TYR B 292 28.93 -20.87 -1.12
N THR B 293 27.96 -20.61 -0.25
CA THR B 293 27.49 -19.25 -0.02
C THR B 293 28.52 -18.46 0.81
N LYS B 294 29.15 -19.16 1.79
CA LYS B 294 30.18 -18.55 2.63
C LYS B 294 31.30 -18.03 1.73
N ASN B 295 31.71 -18.86 0.80
CA ASN B 295 32.77 -18.53 -0.12
C ASN B 295 32.39 -17.39 -1.06
N PHE B 296 31.15 -17.39 -1.51
CA PHE B 296 30.68 -16.33 -2.39
C PHE B 296 30.72 -14.95 -1.65
N ILE B 297 30.22 -14.88 -0.42
CA ILE B 297 30.22 -13.63 0.38
C ILE B 297 31.69 -13.12 0.57
N ASN B 298 32.60 -14.07 0.86
CA ASN B 298 34.03 -13.73 1.07
C ASN B 298 34.63 -13.06 -0.15
N GLN B 299 34.37 -13.63 -1.33
CA GLN B 299 34.85 -13.05 -2.57
C GLN B 299 34.31 -11.62 -2.76
N LEU B 300 33.04 -11.39 -2.41
CA LEU B 300 32.44 -10.05 -2.60
C LEU B 300 33.11 -9.02 -1.65
N VAL B 301 33.33 -9.43 -0.41
CA VAL B 301 33.98 -8.58 0.60
C VAL B 301 35.40 -8.28 0.13
N ASN B 302 36.07 -9.27 -0.47
CA ASN B 302 37.43 -9.04 -0.94
C ASN B 302 37.55 -7.99 -2.03
N MET B 303 36.51 -7.81 -2.85
CA MET B 303 36.54 -6.80 -3.91
C MET B 303 36.68 -5.40 -3.33
N ILE B 304 36.32 -5.26 -2.06
CA ILE B 304 36.42 -3.98 -1.40
C ILE B 304 37.74 -3.90 -0.62
N LYS B 305 38.03 -4.97 0.11
CA LYS B 305 39.25 -5.00 0.90
C LYS B 305 40.55 -5.05 0.08
N ASN B 306 40.44 -5.13 -1.24
CA ASN B 306 41.62 -5.14 -2.10
C ASN B 306 41.37 -4.16 -3.26
CAA 028 C . -9.67 3.67 -0.09
CAI 028 C . -10.92 3.12 -0.78
CAJ 028 C . -11.47 4.15 -1.77
CAK 028 C . -12.68 3.59 -2.52
CAL 028 C . -13.74 3.12 -1.52
CAM 028 C . -15.01 2.62 -2.22
CAN 028 C . -15.82 1.86 -1.17
PAO 028 C . -16.90 2.97 -0.13
OAE 028 C . -18.44 2.73 -0.51
OAF 028 C . -16.70 2.35 1.34
OAB 028 C . -16.53 4.40 -0.19
PAP 028 C . -16.80 0.49 -1.95
OAG 028 C . -16.11 0.10 -3.35
OAH 028 C . -16.47 -0.70 -0.91
OAC 028 C . -18.24 0.77 -2.09
OAD 028 C . -14.91 1.16 -0.32
CAA 028 D . 9.30 -4.61 0.47
CAI 028 D . 10.35 -4.42 1.58
CAJ 028 D . 11.14 -5.70 1.85
CAK 028 D . 12.05 -5.53 3.07
CAL 028 D . 12.80 -6.82 3.42
CAM 028 D . 11.82 -7.98 3.60
CAN 028 D . 12.46 -9.31 3.98
PAO 028 D . 13.87 -9.78 2.85
OAE 028 D . 14.76 -8.45 2.62
OAF 028 D . 14.82 -10.76 3.70
OAB 028 D . 13.38 -10.39 1.60
PAP 028 D . 13.17 -9.28 5.71
OAG 028 D . 14.34 -8.17 5.66
OAH 028 D . 12.01 -8.75 6.69
OAC 028 D . 13.67 -10.60 6.11
OAD 028 D . 11.44 -10.32 3.92
#